data_2N4Y
#
_entry.id   2N4Y
#
_entity_poly.entity_id   1
_entity_poly.type   'polydeoxyribonucleotide'
_entity_poly.pdbx_seq_one_letter_code
;(DC)(DT)(DG)(DG)(DG)(DC)(DG)(DG)(DG)(DA)(DC)(DT)(DG)(DG)(DG)(DG)(DA)(DG)(DT)(DG)
(DG)(DT)
;
_entity_poly.pdbx_strand_id   A
#
loop_
_chem_comp.id
_chem_comp.type
_chem_comp.name
_chem_comp.formula
DA DNA linking 2'-DEOXYADENOSINE-5'-MONOPHOSPHATE 'C10 H14 N5 O6 P'
DC DNA linking 2'-DEOXYCYTIDINE-5'-MONOPHOSPHATE 'C9 H14 N3 O7 P'
DG DNA linking 2'-DEOXYGUANOSINE-5'-MONOPHOSPHATE 'C10 H14 N5 O7 P'
DT DNA linking THYMIDINE-5'-MONOPHOSPHATE 'C10 H15 N2 O8 P'
#